data_8QTY
#
_entry.id   8QTY
#
_cell.length_a   141.271
_cell.length_b   141.271
_cell.length_c   133.742
_cell.angle_alpha   90.000
_cell.angle_beta   90.000
_cell.angle_gamma   90.000
#
_symmetry.space_group_name_H-M   'I 4 2 2'
#
loop_
_entity.id
_entity.type
_entity.pdbx_description
1 polymer 'Biofilm regulatory protein'
2 non-polymer 'SULFATE ION'
3 water water
#
_entity_poly.entity_id   1
_entity_poly.type   'polypeptide(L)'
_entity_poly.pdbx_seq_one_letter_code
;MSKKSDAIKQTKSFSILLMGVDTGSSERTSQWEGNSDSMILVTVNPETKKTTMTSLERDILITLSGPKNNDMNGAEAKLN
AAYAAGGAQMAIMTVQDLLNITIDNYVQINMQGLIDLVDAVGGITVTNEFDFPISIADNEPEYQATVAPGTHKVNGEQAL
VYARMRYDDPEGDYGRQKRQREVIQKVLKKILALDSISSYRKILSAVSGNMQTNIEISSNTIPGLLGYRDALKTIKTYQL
KGEDATLSDGGSYQIVTSDHLLETQNRIRGELGLRKVTQLKTSATVYENLYGSRKSALEHHHHHH
;
_entity_poly.pdbx_strand_id   A
#
# COMPACT_ATOMS: atom_id res chain seq x y z
N THR A 11 18.40 -12.35 -5.89
CA THR A 11 19.15 -11.52 -4.90
C THR A 11 19.43 -10.12 -5.48
N LYS A 12 18.39 -9.44 -5.96
CA LYS A 12 18.55 -8.05 -6.47
C LYS A 12 17.40 -7.19 -5.90
N SER A 13 17.66 -5.90 -5.70
CA SER A 13 16.64 -4.99 -5.13
C SER A 13 15.49 -4.83 -6.12
N PHE A 14 14.24 -4.92 -5.65
CA PHE A 14 13.08 -4.69 -6.54
C PHE A 14 12.00 -3.84 -5.87
N SER A 15 11.15 -3.22 -6.70
CA SER A 15 10.05 -2.35 -6.20
C SER A 15 8.70 -2.99 -6.51
N ILE A 16 7.75 -2.90 -5.57
CA ILE A 16 6.38 -3.41 -5.81
C ILE A 16 5.37 -2.37 -5.34
N LEU A 17 4.33 -2.10 -6.14
CA LEU A 17 3.25 -1.18 -5.73
C LEU A 17 2.10 -1.98 -5.17
N LEU A 18 1.83 -1.83 -3.88
CA LEU A 18 0.73 -2.57 -3.24
C LEU A 18 -0.55 -1.71 -3.25
N MET A 19 -1.65 -2.25 -3.77
CA MET A 19 -2.95 -1.59 -3.84
C MET A 19 -4.04 -2.45 -3.19
N GLY A 20 -4.78 -1.88 -2.25
CA GLY A 20 -6.08 -2.42 -1.81
C GLY A 20 -7.16 -1.81 -2.67
N VAL A 21 -8.13 -2.58 -3.04
CA VAL A 21 -9.15 -2.29 -4.02
C VAL A 21 -10.48 -2.81 -3.50
N ASP A 22 -11.54 -1.98 -3.46
CA ASP A 22 -12.97 -2.37 -3.26
C ASP A 22 -13.47 -2.74 -4.67
N THR A 23 -13.80 -4.05 -4.87
CA THR A 23 -13.75 -4.83 -6.12
C THR A 23 -15.07 -4.59 -6.90
N TRP A 32 -11.20 -6.68 -12.28
CA TRP A 32 -10.51 -5.85 -11.26
C TRP A 32 -10.57 -4.39 -11.70
N GLU A 33 -11.82 -3.90 -11.66
CA GLU A 33 -12.14 -2.47 -11.56
C GLU A 33 -13.03 -2.30 -10.30
N GLY A 34 -12.98 -1.07 -9.74
CA GLY A 34 -13.18 -0.80 -8.30
C GLY A 34 -12.43 0.48 -7.92
N ASN A 35 -12.12 0.72 -6.61
CA ASN A 35 -11.52 2.00 -6.19
C ASN A 35 -10.28 1.70 -5.35
N SER A 36 -9.13 2.38 -5.56
CA SER A 36 -7.94 2.25 -4.69
C SER A 36 -8.26 2.71 -3.23
N ASP A 37 -8.00 1.91 -2.22
CA ASP A 37 -8.20 2.28 -0.81
C ASP A 37 -6.82 2.52 -0.16
N SER A 38 -5.76 2.32 -0.93
CA SER A 38 -4.41 2.35 -0.39
C SER A 38 -3.41 2.23 -1.54
N MET A 39 -2.28 2.93 -1.44
CA MET A 39 -1.21 2.82 -2.41
C MET A 39 0.10 2.81 -1.64
N ILE A 40 0.73 1.64 -1.47
CA ILE A 40 1.99 1.55 -0.72
C ILE A 40 3.10 1.10 -1.64
N LEU A 41 4.18 1.88 -1.73
CA LEU A 41 5.34 1.45 -2.53
C LEU A 41 6.30 0.70 -1.60
N VAL A 42 6.56 -0.56 -1.92
CA VAL A 42 7.43 -1.40 -1.06
C VAL A 42 8.76 -1.62 -1.79
N THR A 43 9.87 -1.32 -1.12
CA THR A 43 11.21 -1.59 -1.68
C THR A 43 11.79 -2.79 -0.93
N VAL A 44 12.26 -3.80 -1.68
CA VAL A 44 12.85 -5.01 -1.06
C VAL A 44 14.34 -5.09 -1.41
N ASN A 45 15.22 -5.00 -0.41
CA ASN A 45 16.67 -5.15 -0.66
C ASN A 45 17.22 -6.35 0.14
N PRO A 46 17.45 -7.51 -0.49
CA PRO A 46 17.91 -8.69 0.25
C PRO A 46 19.34 -8.47 0.73
N GLU A 47 20.12 -7.69 -0.02
CA GLU A 47 21.52 -7.43 0.37
C GLU A 47 21.57 -6.67 1.70
N THR A 48 20.86 -5.55 1.78
CA THR A 48 20.89 -4.71 2.99
C THR A 48 19.97 -5.28 4.07
N LYS A 49 19.24 -6.36 3.73
CA LYS A 49 18.30 -6.99 4.68
C LYS A 49 17.28 -5.95 5.17
N LYS A 50 16.74 -5.15 4.25
CA LYS A 50 15.83 -4.06 4.65
C LYS A 50 14.67 -3.92 3.68
N THR A 51 13.46 -3.74 4.22
CA THR A 51 12.27 -3.48 3.38
C THR A 51 11.70 -2.13 3.81
N THR A 52 11.43 -1.23 2.87
CA THR A 52 10.79 0.05 3.22
C THR A 52 9.37 0.11 2.62
N MET A 53 8.41 0.60 3.41
CA MET A 53 7.02 0.74 2.93
C MET A 53 6.65 2.21 2.99
N THR A 54 6.48 2.86 1.84
CA THR A 54 6.08 4.29 1.80
C THR A 54 4.62 4.42 1.35
N SER A 55 3.77 4.98 2.23
CA SER A 55 2.35 5.19 1.92
C SER A 55 2.19 6.45 1.06
N LEU A 56 1.46 6.34 -0.05
CA LEU A 56 1.24 7.47 -0.94
C LEU A 56 -0.20 7.98 -0.75
N GLU A 57 -0.37 9.28 -0.46
CA GLU A 57 -1.70 9.81 -0.12
C GLU A 57 -2.64 9.77 -1.34
N ARG A 58 -3.77 9.09 -1.18
CA ARG A 58 -4.78 9.02 -2.22
C ARG A 58 -5.25 10.42 -2.70
N ASP A 59 -5.16 11.47 -1.89
CA ASP A 59 -5.62 12.85 -2.09
C ASP A 59 -4.58 13.75 -2.84
N ILE A 60 -3.33 13.33 -3.09
CA ILE A 60 -2.26 14.13 -3.78
C ILE A 60 -2.80 14.56 -5.15
N LEU A 61 -2.62 15.81 -5.55
CA LEU A 61 -3.03 16.23 -6.90
C LEU A 61 -1.90 15.90 -7.88
N ILE A 62 -2.22 15.29 -9.03
CA ILE A 62 -1.17 14.83 -9.94
C ILE A 62 -1.69 14.76 -11.38
N THR A 63 -0.80 14.81 -12.37
CA THR A 63 -1.22 14.61 -13.78
C THR A 63 -1.13 13.11 -14.04
N LEU A 64 -2.20 12.48 -14.47
CA LEU A 64 -2.28 11.03 -14.58
C LEU A 64 -1.58 10.67 -15.87
N SER A 65 -0.98 9.48 -15.89
CA SER A 65 -0.36 8.85 -17.07
C SER A 65 -1.04 7.49 -17.31
N GLY A 66 -1.55 7.24 -18.53
CA GLY A 66 -2.23 6.00 -18.91
C GLY A 66 -1.98 5.64 -20.39
N PRO A 67 -2.68 4.60 -20.92
CA PRO A 67 -2.63 4.39 -22.35
C PRO A 67 -3.23 5.62 -23.01
N LYS A 68 -2.72 6.01 -24.17
CA LYS A 68 -3.22 7.18 -24.92
C LYS A 68 -4.62 6.94 -25.46
N ASN A 69 -5.02 5.67 -25.44
CA ASN A 69 -6.40 5.19 -25.68
C ASN A 69 -7.34 5.84 -24.63
N ASN A 70 -6.82 6.39 -23.52
CA ASN A 70 -7.68 6.66 -22.33
C ASN A 70 -8.02 8.15 -22.12
N ASP A 71 -9.35 8.52 -22.09
CA ASP A 71 -9.79 9.93 -21.84
C ASP A 71 -9.03 10.65 -20.69
N MET A 72 -8.58 9.96 -19.63
CA MET A 72 -8.03 10.58 -18.40
C MET A 72 -6.48 10.78 -18.48
N ASN A 73 -5.81 10.22 -19.49
CA ASN A 73 -4.36 10.43 -19.69
C ASN A 73 -4.18 11.91 -19.86
N GLY A 74 -3.43 12.58 -18.99
CA GLY A 74 -3.13 14.00 -19.19
C GLY A 74 -3.95 14.90 -18.29
N ALA A 75 -4.95 14.34 -17.63
CA ALA A 75 -5.82 15.13 -16.76
C ALA A 75 -5.16 15.29 -15.39
N GLU A 76 -5.32 16.46 -14.78
CA GLU A 76 -4.83 16.66 -13.41
C GLU A 76 -5.92 16.19 -12.46
N ALA A 77 -5.58 15.30 -11.54
CA ALA A 77 -6.59 14.68 -10.68
C ALA A 77 -5.93 14.18 -9.41
N LYS A 78 -6.73 13.67 -8.48
CA LYS A 78 -6.19 13.01 -7.28
C LYS A 78 -5.64 11.63 -7.69
N LEU A 79 -4.58 11.14 -7.03
CA LEU A 79 -3.95 9.82 -7.32
C LEU A 79 -4.92 8.64 -7.22
N ASN A 80 -5.90 8.73 -6.38
CA ASN A 80 -6.98 7.73 -6.23
C ASN A 80 -7.63 7.42 -7.57
N ALA A 81 -7.50 8.30 -8.53
CA ALA A 81 -8.31 8.25 -9.75
C ALA A 81 -7.66 7.47 -10.88
N ALA A 82 -6.32 7.41 -10.89
CA ALA A 82 -5.57 6.50 -11.76
C ALA A 82 -6.21 5.09 -11.78
N TYR A 83 -6.42 4.49 -10.60
CA TYR A 83 -7.01 3.16 -10.55
C TYR A 83 -8.35 3.16 -11.23
N ALA A 84 -9.18 4.13 -10.84
CA ALA A 84 -10.60 4.22 -11.25
C ALA A 84 -10.74 4.39 -12.77
N ALA A 85 -9.75 5.01 -13.40
CA ALA A 85 -9.79 5.28 -14.85
C ALA A 85 -9.19 4.15 -15.67
N GLY A 86 -8.08 3.54 -15.23
CA GLY A 86 -7.42 2.53 -16.06
C GLY A 86 -6.82 1.36 -15.30
N GLY A 87 -7.42 0.97 -14.20
CA GLY A 87 -6.97 -0.22 -13.46
C GLY A 87 -5.56 -0.11 -12.92
N ALA A 88 -4.93 -1.26 -12.67
CA ALA A 88 -3.59 -1.30 -12.08
C ALA A 88 -2.55 -0.79 -13.10
N GLN A 89 -2.83 -0.93 -14.39
CA GLN A 89 -1.90 -0.39 -15.40
C GLN A 89 -1.67 1.13 -15.18
N MET A 90 -2.75 1.95 -15.12
CA MET A 90 -2.68 3.44 -14.93
C MET A 90 -2.08 3.81 -13.58
N ALA A 91 -2.44 3.10 -12.54
CA ALA A 91 -1.88 3.36 -11.21
C ALA A 91 -0.34 3.27 -11.27
N ILE A 92 0.19 2.21 -11.91
CA ILE A 92 1.64 2.06 -12.06
C ILE A 92 2.22 3.19 -12.92
N MET A 93 1.68 3.39 -14.12
CA MET A 93 2.17 4.51 -14.93
C MET A 93 2.18 5.84 -14.14
N THR A 94 1.06 6.12 -13.44
CA THR A 94 0.90 7.35 -12.67
C THR A 94 1.93 7.44 -11.53
N VAL A 95 2.11 6.37 -10.76
CA VAL A 95 3.07 6.41 -9.63
C VAL A 95 4.53 6.43 -10.07
N GLN A 96 4.86 5.79 -11.21
CA GLN A 96 6.17 5.88 -11.91
C GLN A 96 6.50 7.34 -12.20
N ASP A 97 5.55 8.11 -12.78
CA ASP A 97 5.80 9.54 -13.09
C ASP A 97 5.82 10.38 -11.80
N LEU A 98 5.16 9.96 -10.74
CA LEU A 98 5.17 10.69 -9.44
C LEU A 98 6.57 10.62 -8.82
N LEU A 99 7.20 9.43 -8.84
CA LEU A 99 8.48 9.21 -8.13
C LEU A 99 9.70 9.17 -9.05
N ASN A 100 9.50 9.26 -10.39
CA ASN A 100 10.62 9.18 -11.36
C ASN A 100 11.49 7.93 -11.15
N ILE A 101 10.86 6.79 -10.85
CA ILE A 101 11.55 5.50 -10.71
C ILE A 101 10.69 4.47 -11.43
N THR A 102 11.26 3.38 -11.93
CA THR A 102 10.47 2.39 -12.68
C THR A 102 10.05 1.32 -11.67
N ILE A 103 8.79 0.93 -11.72
CA ILE A 103 8.27 -0.03 -10.71
C ILE A 103 8.23 -1.40 -11.38
N ASP A 104 8.81 -2.37 -10.71
CA ASP A 104 9.00 -3.70 -11.30
C ASP A 104 7.69 -4.46 -11.28
N ASN A 105 6.98 -4.48 -10.15
CA ASN A 105 5.77 -5.32 -10.09
C ASN A 105 4.64 -4.64 -9.32
N TYR A 106 3.45 -5.25 -9.32
CA TYR A 106 2.29 -4.71 -8.60
C TYR A 106 1.55 -5.83 -7.92
N VAL A 107 0.83 -5.51 -6.85
CA VAL A 107 -0.03 -6.53 -6.18
C VAL A 107 -1.34 -5.87 -5.77
N GLN A 108 -2.46 -6.28 -6.35
CA GLN A 108 -3.78 -5.88 -5.92
C GLN A 108 -4.27 -6.95 -4.96
N ILE A 109 -4.78 -6.56 -3.82
CA ILE A 109 -5.60 -7.42 -3.00
C ILE A 109 -6.89 -6.67 -2.65
N ASN A 110 -8.02 -7.39 -2.66
CA ASN A 110 -9.30 -6.89 -2.15
C ASN A 110 -9.51 -7.25 -0.68
N MET A 111 -10.63 -6.83 -0.10
CA MET A 111 -10.83 -6.97 1.36
C MET A 111 -10.99 -8.44 1.77
N GLN A 112 -11.69 -9.25 0.98
CA GLN A 112 -11.75 -10.69 1.37
C GLN A 112 -10.28 -11.25 1.41
N GLY A 113 -9.50 -10.94 0.36
CA GLY A 113 -8.08 -11.19 0.30
C GLY A 113 -7.39 -10.92 1.63
N LEU A 114 -7.56 -9.71 2.15
CA LEU A 114 -6.80 -9.27 3.33
C LEU A 114 -7.25 -10.10 4.51
N ILE A 115 -8.53 -10.49 4.57
CA ILE A 115 -8.99 -11.25 5.75
C ILE A 115 -8.38 -12.65 5.63
N ASP A 116 -8.39 -13.21 4.44
CA ASP A 116 -7.93 -14.58 4.20
C ASP A 116 -6.42 -14.69 4.58
N LEU A 117 -5.62 -13.78 4.07
CA LEU A 117 -4.19 -13.62 4.35
C LEU A 117 -3.87 -13.53 5.84
N VAL A 118 -4.55 -12.67 6.59
CA VAL A 118 -4.27 -12.52 8.04
C VAL A 118 -4.60 -13.84 8.75
N ASP A 119 -5.64 -14.54 8.32
CA ASP A 119 -6.03 -15.83 8.90
C ASP A 119 -4.95 -16.89 8.63
N ALA A 120 -4.46 -16.92 7.39
CA ALA A 120 -3.51 -17.84 6.79
C ALA A 120 -2.11 -17.70 7.39
N VAL A 121 -1.86 -16.66 8.19
CA VAL A 121 -0.58 -16.46 8.87
C VAL A 121 -0.79 -16.61 10.38
N GLY A 122 -2.02 -16.94 10.79
CA GLY A 122 -2.28 -17.21 12.21
C GLY A 122 -2.70 -15.99 13.00
N GLY A 123 -3.03 -14.90 12.31
CA GLY A 123 -3.49 -13.69 12.98
C GLY A 123 -2.36 -12.75 13.36
N ILE A 124 -2.67 -11.61 13.96
CA ILE A 124 -1.68 -10.60 14.31
C ILE A 124 -2.03 -9.99 15.66
N THR A 125 -1.18 -9.09 16.18
CA THR A 125 -1.46 -8.41 17.45
C THR A 125 -1.45 -6.90 17.20
N VAL A 126 -2.53 -6.20 17.57
CA VAL A 126 -2.64 -4.77 17.32
C VAL A 126 -2.94 -4.08 18.65
N THR A 127 -2.79 -2.75 18.70
CA THR A 127 -3.12 -2.00 19.91
C THR A 127 -4.11 -0.88 19.60
N ASN A 128 -5.34 -1.02 20.12
CA ASN A 128 -6.36 0.03 19.98
C ASN A 128 -5.94 1.09 21.00
N GLU A 129 -5.51 2.25 20.50
CA GLU A 129 -4.99 3.28 21.42
C GLU A 129 -6.14 3.96 22.16
N PHE A 130 -7.30 4.05 21.49
CA PHE A 130 -8.47 4.79 22.03
C PHE A 130 -9.11 4.08 23.23
N ASP A 131 -10.11 4.73 23.82
CA ASP A 131 -10.78 4.19 25.00
C ASP A 131 -12.17 3.69 24.61
N PHE A 132 -12.31 3.26 23.37
CA PHE A 132 -13.59 2.71 22.88
C PHE A 132 -13.28 1.64 21.84
N PRO A 133 -14.05 0.54 21.81
CA PRO A 133 -13.89 -0.48 20.79
C PRO A 133 -14.02 0.11 19.39
N ILE A 134 -13.35 -0.48 18.41
CA ILE A 134 -13.38 0.03 17.02
C ILE A 134 -14.44 -0.71 16.24
N SER A 135 -15.44 0.00 15.69
CA SER A 135 -16.41 -0.65 14.81
C SER A 135 -16.64 0.18 13.55
N ILE A 136 -17.10 -0.44 12.48
CA ILE A 136 -17.39 0.25 11.23
C ILE A 136 -18.74 -0.27 10.69
N ALA A 137 -19.43 -1.10 11.49
CA ALA A 137 -20.65 -1.74 11.02
C ALA A 137 -21.75 -0.69 10.86
N ASP A 138 -21.81 0.24 11.79
CA ASP A 138 -22.75 1.38 11.68
C ASP A 138 -22.70 1.91 10.23
N ASN A 139 -21.49 2.10 9.70
CA ASN A 139 -21.31 2.58 8.32
C ASN A 139 -21.39 1.41 7.33
N GLU A 140 -20.45 0.45 7.45
CA GLU A 140 -20.41 -0.72 6.53
C GLU A 140 -20.86 -1.96 7.30
N PRO A 141 -22.14 -2.37 7.23
CA PRO A 141 -22.63 -3.49 8.05
C PRO A 141 -22.16 -4.85 7.58
N GLU A 142 -21.34 -4.92 6.53
CA GLU A 142 -20.81 -6.22 6.07
C GLU A 142 -19.68 -6.64 7.02
N TYR A 143 -19.08 -5.66 7.71
CA TYR A 143 -17.97 -5.95 8.64
C TYR A 143 -18.42 -5.64 10.05
N GLN A 144 -18.97 -6.64 10.72
CA GLN A 144 -19.56 -6.44 12.05
C GLN A 144 -18.57 -6.76 13.16
N ALA A 145 -17.29 -6.92 12.79
CA ALA A 145 -16.26 -7.27 13.78
C ALA A 145 -15.91 -6.06 14.63
N THR A 146 -15.05 -6.23 15.63
CA THR A 146 -14.75 -5.20 16.60
C THR A 146 -13.37 -5.45 17.26
N VAL A 147 -12.64 -4.39 17.60
CA VAL A 147 -11.32 -4.49 18.25
C VAL A 147 -11.41 -3.85 19.61
N ALA A 148 -11.39 -4.58 20.70
CA ALA A 148 -11.43 -3.99 22.04
C ALA A 148 -10.30 -3.03 22.22
N PRO A 149 -10.37 -2.18 23.29
CA PRO A 149 -9.22 -1.36 23.63
C PRO A 149 -8.15 -2.19 24.32
N GLY A 150 -6.88 -1.89 24.07
CA GLY A 150 -5.72 -2.55 24.66
C GLY A 150 -5.01 -3.30 23.55
N THR A 151 -4.22 -4.29 23.91
CA THR A 151 -3.41 -5.07 22.96
C THR A 151 -4.03 -6.46 22.87
N HIS A 152 -4.39 -6.92 21.68
CA HIS A 152 -5.10 -8.20 21.58
C HIS A 152 -4.75 -8.91 20.27
N LYS A 153 -4.78 -10.23 20.30
CA LYS A 153 -4.59 -11.00 19.07
C LYS A 153 -5.81 -10.75 18.20
N VAL A 154 -5.64 -10.61 16.90
CA VAL A 154 -6.79 -10.22 16.06
C VAL A 154 -6.90 -11.14 14.85
N ASN A 155 -8.12 -11.43 14.41
CA ASN A 155 -8.34 -12.28 13.23
C ASN A 155 -8.43 -11.40 11.98
N GLY A 156 -8.66 -11.98 10.81
CA GLY A 156 -8.71 -11.19 9.56
C GLY A 156 -9.84 -10.16 9.57
N GLU A 157 -11.03 -10.58 10.01
CA GLU A 157 -12.19 -9.67 10.04
C GLU A 157 -11.87 -8.48 10.97
N GLN A 158 -11.15 -8.73 12.06
CA GLN A 158 -10.85 -7.66 13.02
C GLN A 158 -9.70 -6.79 12.50
N ALA A 159 -8.86 -7.38 11.65
CA ALA A 159 -7.67 -6.69 11.09
C ALA A 159 -8.16 -5.72 10.01
N LEU A 160 -9.07 -6.17 9.13
CA LEU A 160 -9.66 -5.26 8.14
C LEU A 160 -10.27 -4.06 8.86
N VAL A 161 -11.17 -4.30 9.80
CA VAL A 161 -11.86 -3.22 10.52
C VAL A 161 -10.80 -2.25 11.06
N TYR A 162 -9.74 -2.75 11.67
CA TYR A 162 -8.80 -1.80 12.29
C TYR A 162 -8.22 -0.91 11.19
N ALA A 163 -7.78 -1.55 10.12
CA ALA A 163 -7.26 -0.93 8.90
C ALA A 163 -8.24 0.06 8.20
N ARG A 164 -9.55 -0.17 8.22
CA ARG A 164 -10.47 0.63 7.40
C ARG A 164 -11.15 1.75 8.20
N MET A 165 -10.92 1.80 9.50
CA MET A 165 -11.60 2.78 10.35
C MET A 165 -11.10 4.17 10.03
N ARG A 166 -11.98 5.03 9.51
CA ARG A 166 -11.61 6.43 9.27
C ARG A 166 -12.44 7.29 10.21
N TYR A 167 -11.82 8.19 10.96
CA TYR A 167 -12.57 9.13 11.81
C TYR A 167 -13.25 10.19 10.91
N ASP A 168 -13.12 10.04 9.57
CA ASP A 168 -13.78 10.94 8.62
C ASP A 168 -13.41 12.41 8.95
N ASP A 169 -12.15 12.61 9.37
CA ASP A 169 -11.68 13.97 9.74
C ASP A 169 -10.59 14.35 8.74
N PRO A 170 -10.18 15.64 8.59
CA PRO A 170 -9.04 15.95 7.73
C PRO A 170 -7.88 15.08 8.21
N GLU A 171 -7.88 14.70 9.50
CA GLU A 171 -6.79 13.89 10.07
C GLU A 171 -7.16 12.40 10.06
N GLY A 172 -8.03 11.98 9.14
CA GLY A 172 -8.50 10.58 9.13
C GLY A 172 -7.49 9.65 8.48
N ASP A 173 -7.14 9.90 7.17
CA ASP A 173 -6.25 8.96 6.47
C ASP A 173 -4.92 8.77 7.26
N TYR A 174 -4.33 9.87 7.73
CA TYR A 174 -3.04 9.78 8.40
C TYR A 174 -3.02 8.57 9.36
N GLY A 175 -4.04 8.47 10.24
CA GLY A 175 -4.12 7.35 11.18
C GLY A 175 -4.44 6.07 10.42
N ARG A 176 -5.42 6.14 9.53
CA ARG A 176 -5.78 4.95 8.75
C ARG A 176 -4.53 4.43 8.06
N GLN A 177 -3.67 5.33 7.59
CA GLN A 177 -2.51 4.88 6.79
C GLN A 177 -1.45 4.26 7.72
N LYS A 178 -1.22 4.85 8.89
CA LYS A 178 -0.29 4.23 9.85
C LYS A 178 -0.80 2.83 10.16
N ARG A 179 -2.11 2.68 10.34
CA ARG A 179 -2.68 1.39 10.76
C ARG A 179 -2.58 0.38 9.62
N GLN A 180 -2.86 0.79 8.40
CA GLN A 180 -2.76 -0.11 7.23
C GLN A 180 -1.32 -0.62 7.14
N ARG A 181 -0.36 0.28 7.26
CA ARG A 181 1.07 -0.10 7.23
C ARG A 181 1.33 -1.13 8.33
N GLU A 182 0.87 -0.84 9.55
CA GLU A 182 1.07 -1.76 10.67
C GLU A 182 0.60 -3.17 10.26
N VAL A 183 -0.66 -3.31 9.90
CA VAL A 183 -1.22 -4.64 9.53
C VAL A 183 -0.24 -5.34 8.59
N ILE A 184 0.15 -4.70 7.48
CA ILE A 184 1.02 -5.34 6.49
C ILE A 184 2.33 -5.76 7.17
N GLN A 185 3.00 -4.82 7.83
CA GLN A 185 4.28 -5.12 8.50
C GLN A 185 4.11 -6.35 9.38
N LYS A 186 3.07 -6.37 10.20
CA LYS A 186 2.86 -7.49 11.12
C LYS A 186 2.65 -8.78 10.31
N VAL A 187 1.78 -8.75 9.30
CA VAL A 187 1.64 -9.95 8.43
C VAL A 187 3.01 -10.38 7.91
N LEU A 188 3.83 -9.45 7.45
CA LEU A 188 5.16 -9.75 6.87
C LEU A 188 6.10 -10.41 7.91
N LYS A 189 6.26 -9.87 9.14
CA LYS A 189 6.90 -10.56 10.28
C LYS A 189 6.42 -12.03 10.48
N LYS A 190 5.13 -12.32 10.31
CA LYS A 190 4.71 -13.73 10.41
C LYS A 190 5.35 -14.51 9.27
N ILE A 191 5.26 -13.98 8.05
CA ILE A 191 5.86 -14.63 6.86
C ILE A 191 7.38 -14.91 7.02
N LEU A 192 8.14 -14.01 7.64
CA LEU A 192 9.57 -14.25 7.86
C LEU A 192 9.73 -15.57 8.61
N ALA A 193 9.08 -15.69 9.78
CA ALA A 193 9.19 -16.85 10.64
C ALA A 193 8.70 -18.19 10.02
N LEU A 194 8.31 -18.22 8.75
CA LEU A 194 7.90 -19.49 8.14
C LEU A 194 9.16 -20.18 7.59
N ASP A 195 9.20 -21.52 7.67
CA ASP A 195 10.36 -22.27 7.18
C ASP A 195 9.97 -23.18 6.01
N SER A 196 8.70 -23.58 5.94
CA SER A 196 8.29 -24.55 4.91
C SER A 196 7.85 -23.86 3.60
N ILE A 197 7.99 -24.54 2.47
CA ILE A 197 7.52 -24.01 1.19
C ILE A 197 6.01 -24.29 1.13
N SER A 198 5.59 -25.38 1.78
CA SER A 198 4.16 -25.72 1.84
C SER A 198 3.43 -24.57 2.55
N SER A 199 3.96 -24.14 3.69
CA SER A 199 3.37 -23.00 4.41
C SER A 199 3.03 -21.89 3.39
N TYR A 200 4.03 -21.49 2.62
CA TYR A 200 3.83 -20.42 1.63
C TYR A 200 2.80 -20.88 0.59
N ARG A 201 2.83 -22.15 0.21
CA ARG A 201 1.93 -22.59 -0.89
C ARG A 201 0.47 -22.40 -0.42
N LYS A 202 0.23 -22.62 0.88
CA LYS A 202 -1.08 -22.63 1.55
C LYS A 202 -1.61 -21.18 1.60
N ILE A 203 -0.79 -20.25 2.01
CA ILE A 203 -1.00 -18.77 1.92
C ILE A 203 -1.34 -18.29 0.50
N LEU A 204 -0.68 -18.73 -0.58
CA LEU A 204 -1.08 -18.29 -1.94
C LEU A 204 -2.39 -18.96 -2.34
N SER A 205 -2.65 -20.15 -1.81
CA SER A 205 -3.95 -20.82 -2.03
C SER A 205 -5.07 -19.98 -1.37
N ALA A 206 -4.82 -19.52 -0.15
CA ALA A 206 -5.78 -18.91 0.76
C ALA A 206 -6.34 -17.65 0.10
N VAL A 207 -5.48 -16.91 -0.60
CA VAL A 207 -5.75 -15.63 -1.26
C VAL A 207 -5.97 -15.84 -2.76
N SER A 208 -6.15 -17.03 -3.29
CA SER A 208 -6.07 -17.25 -4.74
C SER A 208 -7.05 -16.34 -5.47
N GLY A 209 -8.35 -16.38 -5.14
CA GLY A 209 -9.36 -15.65 -5.93
C GLY A 209 -9.19 -14.12 -5.79
N ASN A 210 -8.92 -13.68 -4.55
CA ASN A 210 -9.00 -12.29 -4.12
C ASN A 210 -7.64 -11.56 -4.14
N MET A 211 -6.68 -11.92 -5.00
CA MET A 211 -5.35 -11.26 -5.11
C MET A 211 -4.87 -11.45 -6.55
N GLN A 212 -4.22 -10.49 -7.20
CA GLN A 212 -3.82 -10.49 -8.62
C GLN A 212 -2.46 -9.76 -8.76
N THR A 213 -1.54 -10.21 -9.63
CA THR A 213 -0.18 -9.68 -9.68
C THR A 213 0.54 -9.95 -10.99
N ASN A 214 1.55 -9.13 -11.33
CA ASN A 214 2.47 -9.33 -12.43
C ASN A 214 3.35 -10.55 -12.13
N ILE A 215 3.76 -10.63 -10.85
CA ILE A 215 4.63 -11.73 -10.39
C ILE A 215 4.06 -13.08 -10.83
N GLU A 216 4.91 -13.96 -11.32
CA GLU A 216 4.51 -15.27 -11.85
C GLU A 216 4.20 -16.25 -10.69
N ILE A 217 2.99 -16.80 -10.55
CA ILE A 217 2.77 -17.71 -9.42
C ILE A 217 2.75 -19.13 -9.95
N SER A 218 3.67 -19.97 -9.47
CA SER A 218 3.78 -21.38 -9.88
C SER A 218 4.57 -22.16 -8.80
N SER A 219 4.75 -23.46 -9.02
CA SER A 219 5.68 -24.27 -8.23
C SER A 219 7.12 -23.79 -8.41
N ASN A 220 7.42 -23.15 -9.59
CA ASN A 220 8.72 -22.48 -9.94
C ASN A 220 9.03 -21.32 -8.96
N THR A 221 8.03 -20.60 -8.52
CA THR A 221 8.30 -19.29 -7.90
C THR A 221 8.14 -19.33 -6.36
N ILE A 222 7.17 -20.07 -5.81
CA ILE A 222 7.03 -20.06 -4.34
C ILE A 222 8.41 -20.19 -3.69
N PRO A 223 9.33 -21.12 -4.07
CA PRO A 223 10.67 -21.16 -3.45
C PRO A 223 11.57 -20.00 -3.86
N GLY A 224 11.54 -19.59 -5.13
CA GLY A 224 12.29 -18.41 -5.59
C GLY A 224 11.98 -17.22 -4.67
N LEU A 225 10.78 -17.19 -4.11
CA LEU A 225 10.35 -16.05 -3.28
C LEU A 225 11.13 -16.09 -1.96
N LEU A 226 11.33 -17.28 -1.39
CA LEU A 226 11.96 -17.37 -0.06
C LEU A 226 13.40 -16.82 -0.12
N GLY A 227 13.91 -16.59 -1.34
CA GLY A 227 15.26 -16.01 -1.48
C GLY A 227 15.27 -14.52 -1.17
N TYR A 228 14.20 -14.02 -0.54
CA TYR A 228 14.08 -12.57 -0.27
C TYR A 228 13.63 -12.36 1.16
N ARG A 229 13.33 -13.46 1.87
CA ARG A 229 12.81 -13.35 3.24
C ARG A 229 13.76 -12.52 4.10
N ASP A 230 15.05 -12.48 3.74
CA ASP A 230 16.06 -11.78 4.56
C ASP A 230 15.72 -10.28 4.63
N ALA A 231 15.00 -9.75 3.64
CA ALA A 231 14.70 -8.32 3.60
C ALA A 231 13.63 -7.96 4.63
N LEU A 232 12.93 -8.97 5.15
CA LEU A 232 11.85 -8.72 6.11
C LEU A 232 12.41 -8.57 7.51
N LYS A 233 13.73 -8.68 7.65
CA LYS A 233 14.36 -8.61 8.99
C LYS A 233 14.22 -7.18 9.50
N THR A 234 14.36 -6.20 8.62
CA THR A 234 14.15 -4.77 8.99
C THR A 234 13.16 -4.08 8.04
N ILE A 235 11.96 -3.83 8.56
CA ILE A 235 10.90 -3.09 7.84
C ILE A 235 10.80 -1.68 8.44
N LYS A 236 11.29 -0.66 7.75
CA LYS A 236 11.06 0.74 8.10
C LYS A 236 9.78 1.24 7.37
N THR A 237 8.81 1.88 8.08
CA THR A 237 7.57 2.45 7.45
C THR A 237 7.65 3.98 7.24
N TYR A 238 6.93 4.49 6.24
CA TYR A 238 7.00 5.94 5.92
C TYR A 238 5.69 6.43 5.30
N GLN A 239 5.53 7.74 5.16
CA GLN A 239 4.33 8.36 4.58
C GLN A 239 4.71 9.58 3.75
N LEU A 240 4.32 9.62 2.48
CA LEU A 240 4.54 10.82 1.65
C LEU A 240 3.40 11.79 1.96
N LYS A 241 3.72 12.99 2.43
CA LYS A 241 2.65 13.95 2.79
C LYS A 241 2.99 15.41 2.46
N GLY A 242 1.97 16.25 2.68
CA GLY A 242 2.06 17.67 2.38
C GLY A 242 0.95 18.40 3.12
N GLU A 243 0.28 19.37 2.46
CA GLU A 243 -0.71 20.18 3.20
C GLU A 243 -2.13 19.96 2.69
N ASP A 244 -3.10 19.89 3.61
CA ASP A 244 -4.50 19.63 3.25
C ASP A 244 -5.17 20.94 2.80
N ALA A 245 -5.68 20.97 1.56
CA ALA A 245 -6.32 22.17 1.02
C ALA A 245 -7.76 21.83 0.63
N THR A 246 -8.50 22.79 0.07
CA THR A 246 -9.91 22.52 -0.18
C THR A 246 -10.26 22.61 -1.66
N LEU A 247 -11.31 21.89 -2.07
CA LEU A 247 -11.73 21.89 -3.48
C LEU A 247 -13.10 22.58 -3.60
N SER A 248 -13.42 23.16 -4.75
CA SER A 248 -14.71 23.83 -5.03
C SER A 248 -15.92 22.99 -4.54
N ASP A 249 -15.90 21.67 -4.72
CA ASP A 249 -16.98 20.80 -4.26
C ASP A 249 -16.96 20.71 -2.74
N GLY A 250 -15.96 21.33 -2.09
CA GLY A 250 -15.81 21.23 -0.64
C GLY A 250 -14.96 20.04 -0.24
N GLY A 251 -14.46 19.27 -1.21
CA GLY A 251 -13.61 18.09 -0.94
C GLY A 251 -12.20 18.52 -0.52
N SER A 252 -11.30 17.56 -0.35
CA SER A 252 -9.97 17.88 0.16
C SER A 252 -8.88 17.28 -0.72
N TYR A 253 -7.79 18.02 -0.93
CA TYR A 253 -6.64 17.55 -1.72
C TYR A 253 -5.38 17.91 -0.96
N GLN A 254 -4.23 17.56 -1.53
CA GLN A 254 -2.94 17.85 -0.86
C GLN A 254 -1.83 18.11 -1.88
N ILE A 255 -1.21 19.29 -1.85
CA ILE A 255 0.00 19.51 -2.67
C ILE A 255 1.15 19.06 -1.77
N VAL A 256 2.10 18.47 -2.49
CA VAL A 256 3.36 17.94 -1.98
C VAL A 256 4.36 19.09 -2.02
N THR A 257 4.91 19.43 -0.82
CA THR A 257 6.10 20.32 -0.65
C THR A 257 7.24 19.65 -1.44
N SER A 258 7.79 20.32 -2.47
CA SER A 258 8.83 19.71 -3.31
C SER A 258 9.96 19.13 -2.44
N ASP A 259 10.21 19.74 -1.28
CA ASP A 259 11.28 19.29 -0.38
C ASP A 259 10.97 17.83 0.01
N HIS A 260 9.87 17.64 0.78
CA HIS A 260 9.35 16.31 1.15
C HIS A 260 9.37 15.40 -0.08
N LEU A 261 9.02 15.89 -1.27
CA LEU A 261 8.94 14.96 -2.42
C LEU A 261 10.33 14.39 -2.73
N LEU A 262 11.34 15.24 -2.82
CA LEU A 262 12.68 14.76 -3.22
C LEU A 262 13.24 13.82 -2.14
N GLU A 263 13.30 14.25 -0.89
CA GLU A 263 13.77 13.30 0.14
C GLU A 263 13.17 11.91 -0.12
N THR A 264 11.87 11.85 -0.46
CA THR A 264 11.13 10.61 -0.75
C THR A 264 11.69 9.94 -2.02
N GLN A 265 11.86 10.63 -3.14
CA GLN A 265 12.41 9.90 -4.31
C GLN A 265 13.79 9.34 -3.96
N ASN A 266 14.60 10.10 -3.21
CA ASN A 266 16.01 9.77 -2.85
C ASN A 266 16.04 8.61 -1.83
N ARG A 267 15.26 8.67 -0.74
CA ARG A 267 15.14 7.54 0.19
C ARG A 267 14.90 6.25 -0.61
N ILE A 268 13.85 6.22 -1.44
CA ILE A 268 13.51 4.99 -2.17
C ILE A 268 14.67 4.64 -3.10
N ARG A 269 15.12 5.59 -3.91
CA ARG A 269 16.17 5.28 -4.90
C ARG A 269 17.33 4.60 -4.19
N GLY A 270 17.74 5.17 -3.05
CA GLY A 270 18.83 4.56 -2.27
C GLY A 270 18.57 3.10 -2.03
N GLU A 271 17.42 2.79 -1.43
CA GLU A 271 17.10 1.39 -1.09
C GLU A 271 17.09 0.54 -2.37
N LEU A 272 16.74 1.15 -3.50
CA LEU A 272 16.60 0.36 -4.74
C LEU A 272 17.93 0.37 -5.50
N GLY A 273 18.97 0.92 -4.88
CA GLY A 273 20.30 0.95 -5.49
C GLY A 273 20.33 1.80 -6.75
N LEU A 274 20.21 3.12 -6.58
CA LEU A 274 20.15 4.02 -7.74
C LEU A 274 20.80 5.35 -7.39
N ARG A 275 20.99 6.22 -8.39
CA ARG A 275 21.68 7.50 -8.19
C ARG A 275 20.75 8.53 -7.53
N LYS A 276 21.26 9.23 -6.50
CA LYS A 276 20.49 10.30 -5.86
C LYS A 276 20.19 11.37 -6.92
N VAL A 277 18.97 11.90 -6.97
CA VAL A 277 18.62 12.80 -8.08
C VAL A 277 19.03 14.24 -7.74
N THR A 278 19.27 15.05 -8.78
CA THR A 278 19.69 16.43 -8.61
C THR A 278 18.45 17.34 -8.65
N GLN A 279 17.60 17.14 -9.64
CA GLN A 279 16.37 17.94 -9.80
C GLN A 279 15.17 17.10 -9.37
N LEU A 280 13.95 17.61 -9.58
CA LEU A 280 12.72 16.90 -9.19
C LEU A 280 11.80 16.77 -10.40
N LYS A 281 11.94 15.69 -11.16
CA LYS A 281 11.00 15.43 -12.27
C LYS A 281 9.78 14.73 -11.68
N THR A 282 8.59 15.30 -11.88
CA THR A 282 7.37 14.73 -11.26
C THR A 282 6.12 15.08 -12.07
N SER A 283 5.13 14.19 -12.04
CA SER A 283 3.85 14.42 -12.72
C SER A 283 2.95 15.10 -11.70
N ALA A 284 3.49 15.34 -10.51
CA ALA A 284 2.72 15.91 -9.42
C ALA A 284 2.69 17.40 -9.52
N THR A 285 1.68 18.02 -8.93
CA THR A 285 1.52 19.47 -8.97
C THR A 285 2.14 20.08 -7.71
N VAL A 286 3.38 20.56 -7.81
CA VAL A 286 4.01 21.27 -6.68
C VAL A 286 3.47 22.70 -6.65
N TYR A 287 3.59 23.37 -5.48
CA TYR A 287 3.12 24.75 -5.30
C TYR A 287 3.71 25.61 -6.43
N GLU A 288 4.95 25.28 -6.82
CA GLU A 288 5.61 26.08 -7.87
C GLU A 288 5.52 25.31 -9.19
#